data_3QXJ
#
_entry.id   3QXJ
#
_cell.length_a   82.151
_cell.length_b   37.504
_cell.length_c   69.095
_cell.angle_alpha   90.00
_cell.angle_beta   101.23
_cell.angle_gamma   90.00
#
_symmetry.space_group_name_H-M   'C 1 2 1'
#
loop_
_entity.id
_entity.type
_entity.pdbx_description
1 polymer 'Dethiobiotin synthetase'
2 non-polymer "GUANOSINE-5'-TRIPHOSPHATE"
3 non-polymer 1,2-ETHANEDIOL
4 non-polymer 'MAGNESIUM ION'
5 non-polymer 'NITRATE ION'
6 water water
#
_entity_poly.entity_id   1
_entity_poly.type   'polypeptide(L)'
_entity_poly.pdbx_seq_one_letter_code
;MGSSHHHHHHSSGRENLYFQGHMLFISATNTNAGKTTCARLLAQYCNACGVKTILLKPIETGVNDAINHSSDAHLFLQDN
RLLDRSLTLKDISFYRYHKVSAPLIAQQEEDPNAPIDTDNLTQRLHNFTKTYDLVIVEGAGGLCVPITLEENMLDFALKL
KAKMLLISHDNLGLINDCLLNDFLLKSHQLDYKIAINLKGNNTAFHSISLPYIELFNTRSNNPIVIFQQSLKVLMSFALK
GS
;
_entity_poly.pdbx_strand_id   A
#
loop_
_chem_comp.id
_chem_comp.type
_chem_comp.name
_chem_comp.formula
EDO non-polymer 1,2-ETHANEDIOL 'C2 H6 O2'
GTP non-polymer GUANOSINE-5'-TRIPHOSPHATE 'C10 H16 N5 O14 P3'
MG non-polymer 'MAGNESIUM ION' 'Mg 2'
NO3 non-polymer 'NITRATE ION' 'N O3 -1'
#
# COMPACT_ATOMS: atom_id res chain seq x y z
N PHE A 19 -19.36 9.34 8.09
CA PHE A 19 -17.95 9.10 8.57
C PHE A 19 -17.01 10.06 7.90
N GLN A 20 -15.80 10.17 8.42
CA GLN A 20 -14.70 10.77 7.67
C GLN A 20 -14.19 9.81 6.58
N GLY A 21 -13.27 10.28 5.75
CA GLY A 21 -12.82 9.42 4.63
C GLY A 21 -12.29 8.04 5.10
N HIS A 22 -12.38 7.10 4.20
CA HIS A 22 -11.85 5.75 4.41
C HIS A 22 -10.37 5.74 4.18
N MET A 23 -9.69 4.70 4.68
CA MET A 23 -8.24 4.61 4.52
C MET A 23 -7.88 3.20 4.08
N LEU A 24 -7.05 3.09 3.05
CA LEU A 24 -6.62 1.84 2.50
C LEU A 24 -5.10 1.82 2.50
N PHE A 25 -4.53 0.85 3.20
CA PHE A 25 -3.11 0.57 3.22
C PHE A 25 -2.75 -0.33 2.03
N ILE A 26 -1.65 -0.05 1.39
CA ILE A 26 -1.18 -0.90 0.29
C ILE A 26 0.17 -1.42 0.68
N SER A 27 0.22 -2.74 0.77
CA SER A 27 1.42 -3.54 1.04
CA SER A 27 1.40 -3.56 1.06
CA SER A 27 1.41 -3.55 1.06
C SER A 27 1.64 -4.50 -0.11
N ALA A 28 2.66 -5.34 0.00
CA ALA A 28 3.03 -6.24 -1.08
C ALA A 28 3.67 -7.51 -0.61
N THR A 29 3.67 -8.50 -1.45
CA THR A 29 4.46 -9.73 -1.24
C THR A 29 5.96 -9.42 -1.21
N ASN A 30 6.44 -8.45 -2.00
CA ASN A 30 7.87 -8.18 -2.21
C ASN A 30 8.02 -6.77 -2.67
N THR A 31 9.15 -6.15 -2.33
CA THR A 31 9.44 -4.86 -2.92
CA THR A 31 9.55 -4.88 -2.96
C THR A 31 9.44 -5.03 -4.46
N ASN A 32 9.02 -3.99 -5.19
CA ASN A 32 8.85 -4.00 -6.62
C ASN A 32 7.68 -4.83 -7.14
N ALA A 33 6.79 -5.35 -6.31
CA ALA A 33 5.67 -6.13 -6.80
C ALA A 33 4.68 -5.29 -7.56
N GLY A 34 4.58 -4.00 -7.22
CA GLY A 34 3.65 -3.07 -7.92
C GLY A 34 2.76 -2.23 -7.05
N LYS A 35 3.14 -1.98 -5.78
CA LYS A 35 2.36 -1.13 -4.93
C LYS A 35 2.08 0.22 -5.58
N THR A 36 3.15 0.88 -6.00
CA THR A 36 3.01 2.24 -6.50
C THR A 36 2.20 2.28 -7.78
N THR A 37 2.47 1.43 -8.76
CA THR A 37 1.74 1.38 -9.99
C THR A 37 0.26 1.12 -9.69
N CYS A 38 -0.01 0.15 -8.87
CA CYS A 38 -1.39 -0.21 -8.59
C CYS A 38 -2.09 0.88 -7.79
N ALA A 39 -1.43 1.42 -6.79
CA ALA A 39 -1.99 2.52 -6.02
C ALA A 39 -2.38 3.67 -6.94
N ARG A 40 -1.48 4.04 -7.85
CA ARG A 40 -1.77 5.19 -8.72
C ARG A 40 -2.95 4.87 -9.65
N LEU A 41 -3.02 3.65 -10.16
CA LEU A 41 -4.12 3.27 -11.06
C LEU A 41 -5.44 3.25 -10.27
N LEU A 42 -5.40 2.74 -9.02
CA LEU A 42 -6.65 2.73 -8.24
C LEU A 42 -7.09 4.16 -7.87
N ALA A 43 -6.14 5.02 -7.44
CA ALA A 43 -6.55 6.39 -7.11
C ALA A 43 -7.07 7.10 -8.36
N GLN A 44 -6.49 6.82 -9.52
CA GLN A 44 -6.96 7.47 -10.75
C GLN A 44 -8.38 7.05 -11.04
N TYR A 45 -8.66 5.76 -10.90
CA TYR A 45 -10.00 5.22 -11.14
C TYR A 45 -10.99 5.84 -10.15
N CYS A 46 -10.61 5.81 -8.87
CA CYS A 46 -11.49 6.39 -7.85
C CYS A 46 -11.80 7.85 -8.15
N ASN A 47 -10.75 8.65 -8.42
CA ASN A 47 -10.98 10.08 -8.73
C ASN A 47 -11.87 10.23 -9.95
N ALA A 48 -11.72 9.40 -10.99
CA ALA A 48 -12.55 9.48 -12.18
C ALA A 48 -13.99 9.14 -11.91
N CYS A 49 -14.26 8.41 -10.82
CA CYS A 49 -15.58 8.04 -10.37
C CYS A 49 -16.13 9.05 -9.34
N GLY A 50 -15.42 10.12 -9.12
CA GLY A 50 -15.88 11.13 -8.15
C GLY A 50 -15.60 10.80 -6.68
N VAL A 51 -14.73 9.81 -6.41
CA VAL A 51 -14.29 9.47 -5.06
C VAL A 51 -12.94 10.16 -4.89
N LYS A 52 -12.94 11.26 -4.17
CA LYS A 52 -11.77 12.09 -4.02
C LYS A 52 -10.71 11.36 -3.19
N THR A 53 -9.57 11.09 -3.83
CA THR A 53 -8.60 10.17 -3.30
C THR A 53 -7.22 10.73 -3.33
N ILE A 54 -6.52 10.62 -2.20
CA ILE A 54 -5.10 11.06 -2.06
C ILE A 54 -4.22 9.83 -1.89
N LEU A 55 -2.99 9.98 -2.36
CA LEU A 55 -1.94 8.97 -2.26
C LEU A 55 -0.85 9.46 -1.30
N LEU A 56 -0.52 8.67 -0.29
CA LEU A 56 0.48 8.99 0.71
C LEU A 56 1.54 7.88 0.77
N LYS A 57 2.79 8.32 1.00
CA LYS A 57 3.93 7.39 1.17
C LYS A 57 4.60 7.82 2.43
N PRO A 58 4.14 7.42 3.60
CA PRO A 58 4.62 8.06 4.85
C PRO A 58 6.08 7.78 5.13
N ILE A 59 6.56 6.59 4.73
CA ILE A 59 7.93 6.16 4.96
C ILE A 59 8.51 5.68 3.65
N GLU A 60 9.69 6.19 3.31
CA GLU A 60 10.31 5.78 2.06
C GLU A 60 11.81 5.74 2.23
N THR A 61 12.42 4.62 1.87
CA THR A 61 13.86 4.41 1.89
C THR A 61 14.38 4.43 0.48
N GLY A 62 15.71 4.49 0.36
CA GLY A 62 16.30 4.43 -0.93
C GLY A 62 16.21 5.68 -1.79
N VAL A 63 16.05 6.84 -1.18
CA VAL A 63 15.78 8.06 -1.91
C VAL A 63 16.89 9.09 -1.70
N ASN A 64 17.00 9.99 -2.67
CA ASN A 64 17.89 11.15 -2.54
C ASN A 64 17.19 12.31 -3.21
N ASP A 65 16.43 13.09 -2.42
CA ASP A 65 15.56 14.10 -2.94
C ASP A 65 16.25 15.30 -3.46
N ALA A 66 17.52 15.45 -3.08
CA ALA A 66 18.30 16.59 -3.59
C ALA A 66 18.53 16.44 -5.09
N ILE A 67 18.57 15.21 -5.56
CA ILE A 67 19.00 14.88 -6.93
C ILE A 67 18.02 14.11 -7.76
N ASN A 68 17.00 13.48 -7.15
CA ASN A 68 16.05 12.62 -7.85
C ASN A 68 14.61 12.99 -7.44
N HIS A 69 13.76 13.27 -8.43
CA HIS A 69 12.37 13.65 -8.19
C HIS A 69 11.42 12.57 -8.77
N SER A 70 11.79 11.31 -8.68
N SER A 70 11.83 11.33 -8.60
CA SER A 70 10.87 10.24 -9.13
CA SER A 70 11.11 10.18 -9.15
C SER A 70 10.75 9.10 -8.12
C SER A 70 10.71 9.13 -8.13
N SER A 71 10.87 9.45 -6.84
CA SER A 71 10.48 8.51 -5.78
C SER A 71 8.98 8.28 -5.76
N ASP A 72 8.56 7.34 -4.98
CA ASP A 72 7.13 7.07 -4.89
C ASP A 72 6.42 8.31 -4.43
N ALA A 73 6.94 8.98 -3.40
CA ALA A 73 6.30 10.20 -2.98
C ALA A 73 6.23 11.28 -4.06
N HIS A 74 7.26 11.43 -4.89
CA HIS A 74 7.18 12.38 -5.98
C HIS A 74 6.10 12.01 -6.99
N LEU A 75 5.99 10.71 -7.34
CA LEU A 75 4.95 10.29 -8.28
C LEU A 75 3.55 10.54 -7.69
N PHE A 76 3.38 10.19 -6.41
CA PHE A 76 2.10 10.47 -5.76
C PHE A 76 1.83 11.97 -5.72
N LEU A 77 2.85 12.79 -5.44
CA LEU A 77 2.66 14.23 -5.38
C LEU A 77 2.14 14.74 -6.73
N GLN A 78 2.71 14.29 -7.82
CA GLN A 78 2.30 14.65 -9.19
CA GLN A 78 2.27 14.71 -9.17
C GLN A 78 0.79 14.39 -9.31
N ASP A 79 0.37 13.19 -8.96
CA ASP A 79 -1.03 12.84 -9.07
C ASP A 79 -1.89 13.69 -8.17
N ASN A 80 -1.42 13.84 -6.94
CA ASN A 80 -2.19 14.53 -5.92
C ASN A 80 -2.42 16.02 -6.26
N ARG A 81 -1.47 16.64 -6.93
CA ARG A 81 -1.57 18.07 -7.19
C ARG A 81 -2.72 18.31 -8.17
N LEU A 82 -3.24 17.31 -8.85
CA LEU A 82 -4.43 17.46 -9.67
C LEU A 82 -5.66 17.77 -8.85
N LEU A 83 -5.58 17.61 -7.54
CA LEU A 83 -6.66 17.88 -6.60
C LEU A 83 -6.34 19.04 -5.68
N ASP A 84 -5.05 19.30 -5.44
CA ASP A 84 -4.61 20.35 -4.51
C ASP A 84 -3.24 20.86 -4.91
N ARG A 85 -3.17 21.97 -5.60
CA ARG A 85 -1.88 22.53 -6.03
C ARG A 85 -0.97 22.82 -4.93
N SER A 86 -1.48 23.08 -3.73
CA SER A 86 -0.64 23.48 -2.61
C SER A 86 0.14 22.36 -1.99
N LEU A 87 -0.16 21.09 -2.31
CA LEU A 87 0.60 20.02 -1.71
C LEU A 87 2.07 20.08 -2.10
N THR A 88 2.89 19.70 -1.13
CA THR A 88 4.32 19.52 -1.31
C THR A 88 4.73 18.14 -0.77
N LEU A 89 5.95 17.75 -1.06
CA LEU A 89 6.43 16.44 -0.72
C LEU A 89 6.30 16.19 0.78
N LYS A 90 6.66 17.16 1.61
CA LYS A 90 6.62 16.96 3.05
C LYS A 90 5.20 16.82 3.61
N ASP A 91 4.17 17.14 2.81
CA ASP A 91 2.79 16.94 3.24
C ASP A 91 2.36 15.49 3.11
N ILE A 92 3.04 14.69 2.31
CA ILE A 92 2.59 13.33 2.02
C ILE A 92 3.63 12.23 2.32
N SER A 93 4.84 12.62 2.73
CA SER A 93 5.88 11.67 3.08
C SER A 93 6.72 12.26 4.19
N PHE A 94 6.95 11.52 5.26
CA PHE A 94 7.36 12.08 6.55
C PHE A 94 8.70 11.58 7.04
N TYR A 95 9.06 10.33 6.70
CA TYR A 95 10.32 9.75 7.09
C TYR A 95 10.96 9.20 5.84
N ARG A 96 12.07 9.81 5.45
CA ARG A 96 12.71 9.52 4.16
C ARG A 96 14.21 9.33 4.35
N TYR A 97 14.76 8.27 3.79
CA TYR A 97 16.11 7.82 4.03
C TYR A 97 16.78 7.45 2.75
N HIS A 98 18.10 7.64 2.73
CA HIS A 98 18.94 7.23 1.61
C HIS A 98 19.17 5.72 1.50
N LYS A 99 19.31 5.07 2.64
CA LYS A 99 19.69 3.63 2.65
C LYS A 99 18.61 2.82 2.00
N VAL A 100 19.01 1.83 1.18
CA VAL A 100 18.09 0.91 0.56
C VAL A 100 17.97 -0.31 1.48
N SER A 101 17.06 -0.22 2.43
CA SER A 101 17.01 -1.18 3.57
C SER A 101 15.63 -1.07 4.21
N ALA A 102 15.40 -1.87 5.24
CA ALA A 102 14.21 -1.71 6.11
C ALA A 102 14.25 -0.33 6.73
N PRO A 103 13.10 0.28 6.99
CA PRO A 103 13.10 1.57 7.62
C PRO A 103 13.77 1.64 8.97
N LEU A 104 13.65 0.63 9.81
CA LEU A 104 14.25 0.67 11.12
C LEU A 104 15.73 0.86 10.97
N ILE A 105 16.35 0.07 10.10
CA ILE A 105 17.78 0.14 9.95
C ILE A 105 18.25 1.49 9.40
N ALA A 106 17.56 1.96 8.36
CA ALA A 106 17.86 3.24 7.79
C ALA A 106 17.77 4.34 8.84
N GLN A 107 16.73 4.33 9.62
CA GLN A 107 16.54 5.34 10.71
C GLN A 107 17.67 5.25 11.72
N GLN A 108 18.01 4.05 12.17
CA GLN A 108 19.06 3.91 13.18
C GLN A 108 20.39 4.44 12.67
N GLU A 109 20.66 4.23 11.38
CA GLU A 109 21.97 4.66 10.83
C GLU A 109 21.96 6.14 10.50
N GLU A 110 20.91 6.67 9.87
CA GLU A 110 20.89 8.06 9.35
C GLU A 110 20.32 9.06 10.30
N ASP A 111 19.46 8.63 11.22
CA ASP A 111 18.72 9.61 12.06
C ASP A 111 18.57 8.96 13.43
N PRO A 112 19.66 8.62 14.07
CA PRO A 112 19.64 7.84 15.30
C PRO A 112 18.79 8.48 16.42
N ASN A 113 18.64 9.80 16.42
CA ASN A 113 17.86 10.46 17.49
C ASN A 113 16.42 10.68 17.16
N ALA A 114 15.96 10.13 16.05
CA ALA A 114 14.56 10.32 15.67
C ALA A 114 13.93 8.96 15.21
N PRO A 115 13.61 8.11 16.17
CA PRO A 115 12.86 6.90 15.77
C PRO A 115 11.53 7.26 15.13
N ILE A 116 11.09 6.42 14.20
CA ILE A 116 9.84 6.68 13.51
C ILE A 116 8.71 6.62 14.51
N ASP A 117 7.85 7.63 14.47
CA ASP A 117 6.74 7.76 15.46
C ASP A 117 5.42 7.46 14.78
N THR A 118 4.91 6.27 15.01
CA THR A 118 3.73 5.85 14.32
C THR A 118 2.44 6.52 14.91
N ASP A 119 2.50 6.97 16.15
CA ASP A 119 1.40 7.81 16.66
C ASP A 119 1.30 9.10 15.86
N ASN A 120 2.40 9.79 15.63
CA ASN A 120 2.42 10.96 14.79
C ASN A 120 1.94 10.65 13.42
N LEU A 121 2.45 9.56 12.83
CA LEU A 121 1.99 9.23 11.46
C LEU A 121 0.48 8.96 11.41
N THR A 122 -0.05 8.23 12.41
CA THR A 122 -1.46 7.97 12.50
C THR A 122 -2.27 9.28 12.49
N GLN A 123 -1.83 10.29 13.26
CA GLN A 123 -2.50 11.55 13.27
C GLN A 123 -2.44 12.22 11.91
N ARG A 124 -1.27 12.26 11.31
CA ARG A 124 -1.12 12.96 10.05
C ARG A 124 -1.94 12.33 8.97
N LEU A 125 -1.94 11.00 8.92
CA LEU A 125 -2.70 10.28 7.90
C LEU A 125 -4.21 10.41 8.12
N HIS A 126 -4.66 10.31 9.34
N HIS A 126 -4.65 10.19 9.36
CA HIS A 126 -6.07 10.53 9.60
CA HIS A 126 -6.07 10.36 9.72
C HIS A 126 -6.54 11.98 9.36
C HIS A 126 -6.58 11.75 9.39
N ASN A 127 -5.66 12.94 9.49
N ASN A 127 -5.73 12.75 9.48
CA ASN A 127 -6.09 14.32 9.19
CA ASN A 127 -6.15 14.14 9.21
C ASN A 127 -6.58 14.44 7.71
C ASN A 127 -6.68 14.29 7.77
N PHE A 128 -6.06 13.59 6.81
CA PHE A 128 -6.46 13.65 5.41
C PHE A 128 -7.87 13.10 5.21
N THR A 129 -8.42 12.31 6.14
CA THR A 129 -9.78 11.82 6.03
C THR A 129 -10.78 12.98 6.19
N LYS A 130 -10.38 14.16 6.63
CA LYS A 130 -11.25 15.30 6.65
C LYS A 130 -11.56 15.76 5.22
N THR A 131 -10.56 15.77 4.35
CA THR A 131 -10.60 16.43 3.06
C THR A 131 -10.67 15.48 1.87
N TYR A 132 -10.58 14.16 2.11
CA TYR A 132 -10.62 13.14 1.07
C TYR A 132 -11.64 12.05 1.40
N ASP A 133 -12.28 11.53 0.34
CA ASP A 133 -13.14 10.36 0.49
C ASP A 133 -12.36 9.09 0.77
N LEU A 134 -11.14 9.02 0.24
CA LEU A 134 -10.27 7.86 0.40
C LEU A 134 -8.85 8.33 0.47
N VAL A 135 -8.20 7.76 1.50
CA VAL A 135 -6.77 8.02 1.74
C VAL A 135 -6.03 6.71 1.49
N ILE A 136 -5.19 6.68 0.45
CA ILE A 136 -4.40 5.49 0.15
C ILE A 136 -3.02 5.70 0.71
N VAL A 137 -2.56 4.71 1.48
CA VAL A 137 -1.27 4.75 2.19
C VAL A 137 -0.41 3.63 1.69
N GLU A 138 0.65 3.91 0.95
CA GLU A 138 1.59 2.83 0.55
C GLU A 138 2.57 2.64 1.66
N GLY A 139 2.83 1.37 2.00
CA GLY A 139 3.90 1.00 2.93
C GLY A 139 5.21 0.89 2.25
N ALA A 140 6.13 0.13 2.84
CA ALA A 140 7.44 -0.10 2.27
C ALA A 140 7.87 -1.47 2.65
N GLY A 141 8.48 -2.18 1.72
CA GLY A 141 9.24 -3.36 2.21
C GLY A 141 8.49 -4.67 2.38
N GLY A 142 7.36 -4.68 3.08
CA GLY A 142 6.47 -5.83 3.17
C GLY A 142 5.81 -5.79 4.55
N LEU A 143 4.88 -6.72 4.83
CA LEU A 143 4.16 -6.67 6.09
C LEU A 143 5.00 -6.78 7.31
N CYS A 144 6.05 -7.61 7.21
CA CYS A 144 6.89 -7.88 8.36
C CYS A 144 8.11 -7.01 8.47
N VAL A 145 8.22 -6.05 7.57
CA VAL A 145 9.43 -5.22 7.60
C VAL A 145 9.37 -4.25 8.78
N PRO A 146 10.45 -4.13 9.51
CA PRO A 146 10.45 -3.34 10.75
C PRO A 146 10.54 -1.87 10.51
N ILE A 147 9.71 -1.15 11.29
CA ILE A 147 9.65 0.33 11.29
C ILE A 147 10.34 0.86 12.54
N THR A 148 9.99 0.29 13.68
CA THR A 148 10.56 0.64 14.96
C THR A 148 10.97 -0.72 15.57
N LEU A 149 11.59 -0.63 16.76
CA LEU A 149 11.91 -1.84 17.45
C LEU A 149 10.70 -2.75 17.75
N GLU A 150 9.55 -2.12 17.93
CA GLU A 150 8.38 -2.85 18.34
C GLU A 150 7.38 -3.09 17.26
N GLU A 151 7.49 -2.38 16.14
CA GLU A 151 6.43 -2.37 15.13
C GLU A 151 6.95 -2.63 13.72
N ASN A 152 6.21 -3.42 12.98
CA ASN A 152 6.36 -3.64 11.57
C ASN A 152 5.28 -2.93 10.76
N MET A 153 5.30 -3.05 9.45
CA MET A 153 4.31 -2.40 8.62
C MET A 153 2.91 -2.85 8.91
N LEU A 154 2.71 -4.12 9.20
CA LEU A 154 1.39 -4.61 9.55
C LEU A 154 0.92 -3.94 10.84
N ASP A 155 1.77 -3.86 11.84
CA ASP A 155 1.39 -3.17 13.08
C ASP A 155 0.97 -1.78 12.81
N PHE A 156 1.70 -1.09 11.94
CA PHE A 156 1.33 0.27 11.55
C PHE A 156 -0.07 0.29 10.90
N ALA A 157 -0.32 -0.57 9.95
CA ALA A 157 -1.63 -0.66 9.36
C ALA A 157 -2.73 -0.95 10.37
N LEU A 158 -2.44 -1.81 11.36
CA LEU A 158 -3.39 -2.11 12.43
C LEU A 158 -3.69 -0.88 13.28
N LYS A 159 -2.64 -0.12 13.57
CA LYS A 159 -2.83 1.12 14.38
C LYS A 159 -3.67 2.12 13.62
N LEU A 160 -3.49 2.19 12.31
CA LEU A 160 -4.25 3.09 11.44
C LEU A 160 -5.73 2.71 11.37
N LYS A 161 -6.07 1.45 11.64
CA LYS A 161 -7.40 0.91 11.45
C LYS A 161 -7.81 0.97 9.97
N ALA A 162 -6.82 0.88 9.08
CA ALA A 162 -7.05 0.90 7.67
C ALA A 162 -7.50 -0.46 7.20
N LYS A 163 -8.17 -0.50 6.06
CA LYS A 163 -8.28 -1.76 5.24
C LYS A 163 -6.97 -1.98 4.57
N MET A 164 -6.71 -3.22 4.13
CA MET A 164 -5.45 -3.61 3.56
C MET A 164 -5.62 -4.17 2.14
N LEU A 165 -4.82 -3.69 1.23
CA LEU A 165 -4.70 -4.26 -0.10
C LEU A 165 -3.26 -4.71 -0.22
N LEU A 166 -3.07 -6.03 -0.37
CA LEU A 166 -1.77 -6.62 -0.53
C LEU A 166 -1.55 -6.96 -2.00
N ILE A 167 -0.57 -6.33 -2.62
CA ILE A 167 -0.28 -6.58 -4.01
C ILE A 167 0.72 -7.70 -4.12
N SER A 168 0.44 -8.68 -4.99
CA SER A 168 1.35 -9.77 -5.26
C SER A 168 1.96 -9.63 -6.62
N HIS A 169 3.21 -10.08 -6.74
CA HIS A 169 3.78 -10.31 -8.01
C HIS A 169 3.07 -11.41 -8.77
N ASP A 170 3.37 -11.55 -10.08
CA ASP A 170 2.69 -12.46 -10.97
C ASP A 170 3.53 -13.65 -11.47
N ASN A 171 4.65 -13.88 -10.81
CA ASN A 171 5.63 -14.91 -11.26
C ASN A 171 5.44 -16.20 -10.50
N LEU A 172 6.09 -17.30 -10.97
CA LEU A 172 6.15 -18.54 -10.20
C LEU A 172 6.58 -18.21 -8.80
N GLY A 173 5.95 -18.78 -7.81
CA GLY A 173 6.23 -18.39 -6.48
C GLY A 173 5.10 -17.61 -5.86
N LEU A 174 4.23 -17.04 -6.68
CA LEU A 174 3.17 -16.20 -6.12
C LEU A 174 2.26 -16.94 -5.23
N ILE A 175 2.04 -18.24 -5.45
CA ILE A 175 1.15 -18.99 -4.61
C ILE A 175 1.65 -19.03 -3.14
N ASN A 176 2.92 -19.41 -3.03
CA ASN A 176 3.51 -19.45 -1.71
C ASN A 176 3.47 -18.08 -1.03
N ASP A 177 3.86 -17.06 -1.80
CA ASP A 177 3.95 -15.73 -1.24
C ASP A 177 2.56 -15.21 -0.82
N CYS A 178 1.58 -15.35 -1.67
CA CYS A 178 0.23 -14.95 -1.32
C CYS A 178 -0.25 -15.67 -0.10
N LEU A 179 -0.01 -16.98 -0.01
CA LEU A 179 -0.56 -17.75 1.08
C LEU A 179 0.14 -17.51 2.40
N LEU A 180 1.46 -17.17 2.34
CA LEU A 180 2.15 -16.78 3.56
C LEU A 180 1.51 -15.49 4.11
N ASN A 181 1.29 -14.52 3.20
CA ASN A 181 0.64 -13.29 3.63
C ASN A 181 -0.76 -13.51 4.08
N ASP A 182 -1.52 -14.35 3.39
CA ASP A 182 -2.88 -14.69 3.80
C ASP A 182 -2.88 -15.20 5.22
N PHE A 183 -1.96 -16.08 5.55
CA PHE A 183 -1.95 -16.67 6.85
C PHE A 183 -1.71 -15.58 7.92
N LEU A 184 -0.75 -14.70 7.63
CA LEU A 184 -0.47 -13.60 8.60
C LEU A 184 -1.74 -12.68 8.72
N LEU A 185 -2.29 -12.29 7.59
CA LEU A 185 -3.40 -11.32 7.65
C LEU A 185 -4.61 -11.90 8.27
N LYS A 186 -4.98 -13.15 7.99
CA LYS A 186 -6.18 -13.74 8.50
C LYS A 186 -6.04 -13.96 10.00
N SER A 187 -4.81 -13.93 10.53
CA SER A 187 -4.47 -14.11 11.95
C SER A 187 -4.59 -12.81 12.72
N HIS A 188 -4.89 -11.71 12.03
CA HIS A 188 -5.04 -10.40 12.63
C HIS A 188 -6.41 -9.81 12.33
N GLN A 189 -6.80 -8.79 13.09
N GLN A 189 -6.76 -8.76 13.06
CA GLN A 189 -8.16 -8.26 13.00
CA GLN A 189 -8.09 -8.17 13.00
C GLN A 189 -8.14 -7.03 12.09
C GLN A 189 -8.11 -6.99 12.06
N LEU A 190 -8.25 -7.32 10.80
CA LEU A 190 -8.39 -6.31 9.75
C LEU A 190 -9.02 -6.91 8.49
N ASP A 191 -9.62 -6.05 7.72
CA ASP A 191 -10.20 -6.40 6.46
CA ASP A 191 -10.22 -6.38 6.47
C ASP A 191 -9.14 -6.27 5.42
N TYR A 192 -8.95 -7.30 4.60
CA TYR A 192 -7.89 -7.30 3.63
C TYR A 192 -8.30 -7.95 2.31
N LYS A 193 -7.67 -7.56 1.21
N LYS A 193 -7.53 -7.69 1.27
CA LYS A 193 -7.73 -8.29 -0.04
CA LYS A 193 -7.75 -8.26 -0.03
C LYS A 193 -6.32 -8.44 -0.54
C LYS A 193 -6.40 -8.36 -0.69
N ILE A 194 -6.08 -9.55 -1.24
CA ILE A 194 -4.86 -9.85 -1.98
C ILE A 194 -5.13 -9.76 -3.48
N ALA A 195 -4.35 -8.95 -4.20
CA ALA A 195 -4.57 -8.77 -5.63
C ALA A 195 -3.26 -8.98 -6.34
N ILE A 196 -3.25 -9.80 -7.40
CA ILE A 196 -2.10 -10.02 -8.22
C ILE A 196 -1.96 -8.92 -9.24
N ASN A 197 -0.75 -8.35 -9.34
CA ASN A 197 -0.41 -7.37 -10.35
C ASN A 197 0.08 -8.12 -11.58
N LEU A 198 -0.87 -8.41 -12.48
CA LEU A 198 -0.61 -9.24 -13.66
C LEU A 198 -0.13 -8.34 -14.81
N LYS A 199 1.15 -8.52 -15.13
CA LYS A 199 1.85 -7.57 -15.98
C LYS A 199 1.49 -7.97 -17.37
N GLY A 200 1.66 -6.98 -18.24
CA GLY A 200 1.51 -7.19 -19.66
C GLY A 200 2.55 -8.16 -20.17
N ASN A 201 2.11 -9.05 -21.06
CA ASN A 201 3.00 -10.05 -21.70
C ASN A 201 3.23 -11.30 -20.87
N ASN A 202 2.58 -11.46 -19.74
CA ASN A 202 2.68 -12.68 -18.98
C ASN A 202 1.36 -13.48 -19.17
N THR A 203 1.46 -14.49 -19.95
CA THR A 203 0.44 -15.54 -20.10
C THR A 203 0.87 -16.86 -19.46
N ALA A 204 2.15 -17.06 -19.01
CA ALA A 204 2.52 -18.23 -18.21
C ALA A 204 1.66 -18.26 -16.99
N PHE A 205 1.32 -17.11 -16.40
CA PHE A 205 0.49 -17.03 -15.23
C PHE A 205 -0.77 -17.88 -15.37
N HIS A 206 -1.43 -17.78 -16.51
CA HIS A 206 -2.72 -18.41 -16.68
C HIS A 206 -2.60 -19.93 -16.71
N SER A 207 -1.49 -20.45 -17.23
CA SER A 207 -1.22 -21.86 -17.34
C SER A 207 -0.65 -22.48 -16.07
N ILE A 208 0.10 -21.73 -15.31
CA ILE A 208 0.93 -22.25 -14.20
C ILE A 208 0.27 -21.95 -12.84
N SER A 209 -0.13 -20.70 -12.58
CA SER A 209 -0.57 -20.28 -11.26
C SER A 209 -2.07 -20.15 -11.15
N LEU A 210 -2.70 -19.61 -12.20
CA LEU A 210 -4.15 -19.39 -12.13
C LEU A 210 -4.96 -20.63 -11.75
N PRO A 211 -4.52 -21.84 -12.22
CA PRO A 211 -5.39 -22.96 -11.87
C PRO A 211 -5.53 -23.15 -10.34
N TYR A 212 -4.46 -22.88 -9.61
CA TYR A 212 -4.55 -22.98 -8.18
C TYR A 212 -5.35 -21.79 -7.57
N ILE A 213 -5.11 -20.57 -8.06
CA ILE A 213 -5.87 -19.43 -7.58
C ILE A 213 -7.38 -19.73 -7.69
N GLU A 214 -7.78 -20.30 -8.83
CA GLU A 214 -9.18 -20.64 -9.03
C GLU A 214 -9.63 -21.61 -7.96
N LEU A 215 -8.89 -22.70 -7.74
CA LEU A 215 -9.23 -23.66 -6.70
C LEU A 215 -9.33 -23.04 -5.32
N PHE A 216 -8.28 -22.30 -4.98
CA PHE A 216 -8.26 -21.58 -3.68
C PHE A 216 -9.51 -20.75 -3.49
N ASN A 217 -9.92 -20.03 -4.56
CA ASN A 217 -11.06 -19.11 -4.42
C ASN A 217 -12.36 -19.87 -4.20
N THR A 218 -12.50 -21.10 -4.68
CA THR A 218 -13.71 -21.86 -4.35
C THR A 218 -13.75 -22.32 -2.92
N ARG A 219 -12.61 -22.40 -2.28
CA ARG A 219 -12.42 -22.95 -0.96
C ARG A 219 -12.26 -21.92 0.14
N SER A 220 -12.07 -20.64 -0.28
CA SER A 220 -11.79 -19.47 0.64
C SER A 220 -12.91 -18.47 0.64
N ASN A 221 -13.21 -17.85 1.79
CA ASN A 221 -14.23 -16.81 1.87
C ASN A 221 -13.65 -15.46 1.50
N ASN A 222 -12.35 -15.40 1.31
CA ASN A 222 -11.66 -14.18 0.86
C ASN A 222 -10.74 -14.49 -0.31
N PRO A 223 -11.27 -14.25 -1.53
CA PRO A 223 -10.53 -14.78 -2.69
C PRO A 223 -9.36 -13.90 -3.05
N ILE A 224 -8.39 -14.47 -3.75
CA ILE A 224 -7.30 -13.71 -4.33
C ILE A 224 -7.74 -13.27 -5.70
N VAL A 225 -7.67 -11.95 -5.98
CA VAL A 225 -8.14 -11.41 -7.25
C VAL A 225 -6.97 -10.97 -8.10
N ILE A 226 -7.27 -10.65 -9.35
CA ILE A 226 -6.29 -10.04 -10.25
C ILE A 226 -6.57 -8.51 -10.27
N PHE A 227 -5.52 -7.75 -9.93
CA PHE A 227 -5.72 -6.30 -9.76
C PHE A 227 -6.38 -5.70 -11.00
N GLN A 228 -5.89 -6.04 -12.19
CA GLN A 228 -6.33 -5.41 -13.40
C GLN A 228 -7.81 -5.70 -13.67
N GLN A 229 -8.36 -6.79 -13.16
CA GLN A 229 -9.76 -7.14 -13.33
C GLN A 229 -10.62 -6.47 -12.26
N SER A 230 -10.01 -5.78 -11.29
CA SER A 230 -10.65 -5.54 -10.01
C SER A 230 -10.76 -4.11 -9.59
N LEU A 231 -10.63 -3.14 -10.47
N LEU A 231 -10.62 -3.13 -10.46
CA LEU A 231 -10.71 -1.73 -10.03
CA LEU A 231 -10.70 -1.73 -9.99
C LEU A 231 -12.04 -1.39 -9.35
C LEU A 231 -12.04 -1.39 -9.33
N LYS A 232 -13.13 -1.84 -9.90
CA LYS A 232 -14.45 -1.57 -9.30
C LYS A 232 -14.60 -2.29 -7.94
N VAL A 233 -14.26 -3.58 -7.93
CA VAL A 233 -14.34 -4.38 -6.74
C VAL A 233 -13.47 -3.78 -5.64
N LEU A 234 -12.27 -3.30 -5.99
CA LEU A 234 -11.37 -2.79 -4.99
C LEU A 234 -11.83 -1.43 -4.50
N MET A 235 -12.42 -0.57 -5.35
CA MET A 235 -13.01 0.67 -4.85
C MET A 235 -14.15 0.38 -3.90
N SER A 236 -14.99 -0.59 -4.24
CA SER A 236 -16.11 -1.02 -3.39
C SER A 236 -15.59 -1.47 -2.01
N PHE A 237 -14.57 -2.33 -2.06
CA PHE A 237 -13.94 -2.83 -0.84
C PHE A 237 -13.45 -1.69 0.00
N ALA A 238 -12.71 -0.75 -0.64
CA ALA A 238 -12.08 0.34 0.15
C ALA A 238 -13.09 1.23 0.82
N LEU A 239 -14.25 1.41 0.19
CA LEU A 239 -15.23 2.41 0.64
C LEU A 239 -16.34 1.81 1.47
N LYS A 240 -16.42 0.48 1.56
CA LYS A 240 -17.64 -0.08 2.16
C LYS A 240 -17.71 0.15 3.65
N GLY A 241 -18.92 0.35 4.15
CA GLY A 241 -19.14 0.43 5.61
C GLY A 241 -18.60 1.70 6.22
N SER A 242 -18.35 1.62 7.53
CA SER A 242 -17.56 2.61 8.31
C SER A 242 -16.05 2.54 7.99
PG GTP B . 8.61 -0.40 -4.08
O1G GTP B . 8.65 -1.58 -3.17
O2G GTP B . 9.92 0.11 -4.54
O3G GTP B . 7.74 0.68 -3.45
O3B GTP B . 8.00 -0.94 -5.41
PB GTP B . 6.49 -1.18 -5.71
O1B GTP B . 5.76 0.09 -5.38
O2B GTP B . 5.97 -2.39 -5.10
O3A GTP B . 6.47 -1.35 -7.25
PA GTP B . 6.24 -0.38 -8.49
O1A GTP B . 4.83 -0.11 -8.69
O2A GTP B . 7.14 0.79 -8.42
O5' GTP B . 6.72 -1.25 -9.76
C5' GTP B . 8.04 -1.74 -9.84
C4' GTP B . 8.48 -1.69 -11.30
O4' GTP B . 7.62 -2.56 -12.04
C3' GTP B . 8.33 -0.25 -11.85
O3' GTP B . 9.45 0.16 -12.62
C2' GTP B . 7.07 -0.33 -12.68
O2' GTP B . 7.03 0.60 -13.76
C1' GTP B . 7.06 -1.81 -13.10
N9 GTP B . 5.69 -2.28 -13.41
C1 EDO C . 16.42 11.45 2.40
O1 EDO C . 17.45 12.22 3.06
C2 EDO C . 15.80 12.35 1.37
O2 EDO C . 16.75 12.80 0.41
C1 EDO D . 2.36 -9.43 13.21
O1 EDO D . 2.73 -8.06 12.97
C2 EDO D . 3.57 -10.35 13.02
O2 EDO D . 4.67 -9.92 13.83
MG MG E . 6.45 1.82 -4.38
C1 EDO F . -13.86 14.30 -6.98
O1 EDO F . -13.10 15.36 -6.37
C2 EDO F . -12.94 13.16 -7.41
O2 EDO F . -11.63 13.59 -7.81
C1 EDO G . -12.43 1.10 7.33
O1 EDO G . -13.25 1.12 6.12
C2 EDO G . -11.13 1.83 7.02
O2 EDO G . -11.43 2.93 6.11
C1 EDO H . -1.45 -19.27 -21.83
O1 EDO H . -0.35 -19.74 -21.07
C2 EDO H . -2.30 -20.40 -22.33
O2 EDO H . -3.36 -20.70 -21.40
N NO3 I . 4.63 -3.02 2.38
O1 NO3 I . 4.25 -2.60 3.51
O2 NO3 I . 4.35 -4.36 2.21
O3 NO3 I . 5.27 -2.27 1.49
C1 EDO J . -12.02 -11.20 6.23
O1 EDO J . -11.72 -12.44 5.59
C2 EDO J . -10.83 -10.25 6.12
O2 EDO J . -10.97 -9.42 4.98
C1 EDO K . 24.36 8.51 6.78
O1 EDO K . 24.31 8.24 8.19
C2 EDO K . 23.64 9.83 6.57
O2 EDO K . 24.34 10.74 7.43
C1 EDO L . 13.43 -13.42 -3.77
O1 EDO L . 13.23 -14.53 -4.66
C2 EDO L . 14.76 -12.72 -4.02
O2 EDO L . 15.79 -13.68 -4.31
C1 EDO M . 11.32 2.41 0.09
O1 EDO M . 11.30 2.19 1.47
C2 EDO M . 9.91 2.70 -0.18
O2 EDO M . 9.37 1.63 -0.91
#